data_4CJW
#
_entry.id   4CJW
#
_cell.length_a   71.474
_cell.length_b   71.474
_cell.length_c   66.833
_cell.angle_alpha   90.00
_cell.angle_beta   90.00
_cell.angle_gamma   120.00
#
_symmetry.space_group_name_H-M   'P 31'
#
loop_
_entity.id
_entity.type
_entity.pdbx_description
1 polymer INTEGRASE
2 non-polymer 'SULFATE ION'
3 non-polymer 'ACETATE ION'
4 non-polymer '6-[(5-bromo-2,3-dioxo-2,3-dihydro-1H-indol-1-yl)methyl]-2,3-dihydro-1,4-benzodioxine-5-carboxylic acid'
5 water water
#
_entity_poly.entity_id   1
_entity_poly.type   'polypeptide(L)'
_entity_poly.pdbx_seq_one_letter_code
;MGSSHHHHHHSSGLVPRGSHMHGQVDSSPGIWQLDCTHLEGKVILVAVHVASGYIEAEVIPAETGQETAYFLLKLAGRWP
VKTVHTDNGSNFTSTTVKAACWWAGIKQEDGIPYNPQSQGVIESMNKELKKIIGQVRDQAEHLKTAVQMAVFIHNHKRKG
GIGGYSAGERIVDIIATDIQTKE
;
_entity_poly.pdbx_strand_id   A,B
#
loop_
_chem_comp.id
_chem_comp.type
_chem_comp.name
_chem_comp.formula
ACT non-polymer 'ACETATE ION' 'C2 H3 O2 -1'
CBJ non-polymer '6-[(5-bromo-2,3-dioxo-2,3-dihydro-1H-indol-1-yl)methyl]-2,3-dihydro-1,4-benzodioxine-5-carboxylic acid' 'C18 H12 Br N O6'
SO4 non-polymer 'SULFATE ION' 'O4 S -2'
#
# COMPACT_ATOMS: atom_id res chain seq x y z
N SER A 28 -13.64 -11.97 -10.21
CA SER A 28 -13.45 -11.86 -8.74
C SER A 28 -12.03 -11.51 -8.24
N PRO A 29 -10.95 -11.87 -8.99
CA PRO A 29 -9.66 -11.40 -8.46
C PRO A 29 -9.48 -9.88 -8.42
N GLY A 30 -10.24 -9.14 -9.24
CA GLY A 30 -10.15 -7.68 -9.27
C GLY A 30 -11.17 -6.94 -8.42
N ILE A 31 -11.92 -7.64 -7.57
CA ILE A 31 -13.03 -7.03 -6.82
C ILE A 31 -12.65 -6.64 -5.40
N TRP A 32 -12.90 -5.38 -5.07
CA TRP A 32 -12.63 -4.85 -3.74
C TRP A 32 -13.88 -4.18 -3.19
N GLN A 33 -13.96 -4.13 -1.86
CA GLN A 33 -15.06 -3.50 -1.13
CA GLN A 33 -15.06 -3.50 -1.14
C GLN A 33 -14.50 -2.42 -0.22
N LEU A 34 -15.05 -1.20 -0.32
CA LEU A 34 -14.68 -0.13 0.61
C LEU A 34 -15.52 -0.24 1.87
N ASP A 35 -14.93 0.18 2.99
CA ASP A 35 -15.58 0.09 4.28
C ASP A 35 -15.03 1.24 5.11
N CYS A 36 -15.92 1.89 5.86
CA CYS A 36 -15.53 3.02 6.69
C CYS A 36 -16.02 2.77 8.11
N THR A 37 -15.12 2.87 9.08
CA THR A 37 -15.49 2.69 10.48
C THR A 37 -14.86 3.79 11.34
N HIS A 38 -15.36 3.97 12.55
CA HIS A 38 -14.99 5.10 13.39
C HIS A 38 -14.33 4.63 14.69
N LEU A 39 -13.31 5.39 15.11
CA LEU A 39 -12.59 5.09 16.35
C LEU A 39 -11.83 6.34 16.83
N GLU A 40 -11.93 6.63 18.12
CA GLU A 40 -11.24 7.77 18.74
C GLU A 40 -11.52 9.10 18.04
N GLY A 41 -12.76 9.28 17.57
CA GLY A 41 -13.16 10.50 16.89
C GLY A 41 -12.58 10.66 15.50
N LYS A 42 -12.00 9.59 14.96
CA LYS A 42 -11.42 9.62 13.63
C LYS A 42 -12.06 8.53 12.79
N VAL A 43 -11.71 8.51 11.51
CA VAL A 43 -12.27 7.60 10.56
C VAL A 43 -11.18 6.64 10.09
N ILE A 44 -11.51 5.36 10.02
CA ILE A 44 -10.62 4.37 9.46
C ILE A 44 -11.23 3.91 8.13
N LEU A 45 -10.51 4.16 7.05
CA LEU A 45 -10.98 3.77 5.74
C LEU A 45 -10.29 2.47 5.35
N VAL A 46 -11.10 1.48 4.96
N VAL A 46 -11.08 1.47 4.98
CA VAL A 46 -10.61 0.14 4.68
CA VAL A 46 -10.53 0.16 4.66
C VAL A 46 -11.02 -0.32 3.28
C VAL A 46 -11.01 -0.33 3.29
N ALA A 47 -10.09 -0.94 2.56
CA ALA A 47 -10.39 -1.63 1.30
C ALA A 47 -10.15 -3.11 1.54
N VAL A 48 -11.15 -3.94 1.25
N VAL A 48 -11.14 -3.94 1.28
CA VAL A 48 -11.05 -5.38 1.41
CA VAL A 48 -11.01 -5.40 1.45
C VAL A 48 -11.07 -6.07 0.06
C VAL A 48 -11.08 -6.09 0.09
N HIS A 49 -10.11 -6.97 -0.17
CA HIS A 49 -10.11 -7.81 -1.36
C HIS A 49 -11.06 -8.97 -1.07
N VAL A 50 -12.21 -8.96 -1.74
CA VAL A 50 -13.35 -9.78 -1.34
C VAL A 50 -13.00 -11.28 -1.31
N ALA A 51 -12.34 -11.76 -2.35
CA ALA A 51 -12.02 -13.19 -2.45
C ALA A 51 -11.00 -13.70 -1.42
N SER A 52 -10.15 -12.82 -0.88
CA SER A 52 -9.08 -13.25 0.03
C SER A 52 -9.25 -12.79 1.47
N GLY A 53 -9.95 -11.69 1.67
CA GLY A 53 -10.00 -11.05 2.98
C GLY A 53 -8.79 -10.18 3.29
N TYR A 54 -7.92 -9.98 2.31
CA TYR A 54 -6.77 -9.08 2.47
C TYR A 54 -7.26 -7.65 2.56
N ILE A 55 -6.63 -6.84 3.40
CA ILE A 55 -7.03 -5.44 3.55
C ILE A 55 -5.89 -4.43 3.44
N GLU A 56 -6.25 -3.22 3.05
CA GLU A 56 -5.41 -2.04 3.22
C GLU A 56 -6.29 -1.05 3.97
N ALA A 57 -5.67 -0.19 4.77
CA ALA A 57 -6.41 0.78 5.57
C ALA A 57 -5.63 2.04 5.81
N GLU A 58 -6.34 3.12 6.10
CA GLU A 58 -5.74 4.39 6.47
CA GLU A 58 -5.74 4.39 6.46
C GLU A 58 -6.63 5.12 7.49
N VAL A 59 -6.02 5.96 8.30
CA VAL A 59 -6.75 6.85 9.19
C VAL A 59 -6.88 8.21 8.52
N ILE A 60 -8.09 8.77 8.52
CA ILE A 60 -8.33 10.13 8.01
C ILE A 60 -9.20 10.92 8.98
N PRO A 61 -9.13 12.26 8.94
CA PRO A 61 -9.98 13.04 9.87
C PRO A 61 -11.46 12.80 9.63
N ALA A 62 -11.84 12.71 8.36
CA ALA A 62 -13.24 12.48 7.99
C ALA A 62 -13.33 11.90 6.58
N GLU A 63 -14.39 11.15 6.31
N GLU A 63 -14.37 11.14 6.33
CA GLU A 63 -14.55 10.54 4.97
CA GLU A 63 -14.54 10.56 5.00
C GLU A 63 -15.11 11.49 3.92
C GLU A 63 -15.07 11.66 4.08
N THR A 64 -14.22 12.09 3.14
CA THR A 64 -14.61 13.00 2.08
C THR A 64 -14.35 12.29 0.75
N GLY A 65 -14.94 12.81 -0.31
CA GLY A 65 -14.65 12.33 -1.66
C GLY A 65 -13.17 12.39 -1.98
N GLN A 66 -12.54 13.53 -1.67
CA GLN A 66 -11.12 13.69 -1.93
C GLN A 66 -10.24 12.66 -1.22
N GLU A 67 -10.50 12.40 0.05
CA GLU A 67 -9.75 11.36 0.76
C GLU A 67 -9.99 9.97 0.16
N THR A 68 -11.26 9.66 -0.11
CA THR A 68 -11.61 8.37 -0.71
C THR A 68 -10.96 8.20 -2.08
N ALA A 69 -10.98 9.24 -2.90
CA ALA A 69 -10.38 9.22 -4.23
C ALA A 69 -8.87 8.93 -4.17
N TYR A 70 -8.19 9.61 -3.24
CA TYR A 70 -6.77 9.43 -3.05
C TYR A 70 -6.44 8.01 -2.59
N PHE A 71 -7.26 7.50 -1.67
CA PHE A 71 -7.09 6.13 -1.14
C PHE A 71 -7.22 5.09 -2.27
N LEU A 72 -8.18 5.30 -3.17
CA LEU A 72 -8.39 4.40 -4.29
C LEU A 72 -7.26 4.46 -5.31
N LEU A 73 -6.72 5.66 -5.55
CA LEU A 73 -5.55 5.79 -6.41
C LEU A 73 -4.37 4.99 -5.86
N LYS A 74 -4.12 5.11 -4.56
CA LYS A 74 -3.03 4.36 -3.93
C LYS A 74 -3.26 2.87 -4.09
N LEU A 75 -4.46 2.41 -3.75
CA LEU A 75 -4.80 1.00 -3.85
C LEU A 75 -4.56 0.45 -5.26
N ALA A 76 -5.08 1.15 -6.26
CA ALA A 76 -5.04 0.69 -7.64
C ALA A 76 -3.63 0.73 -8.24
N GLY A 77 -2.74 1.53 -7.65
CA GLY A 77 -1.33 1.53 -8.05
C GLY A 77 -0.58 0.33 -7.50
N ARG A 78 -1.15 -0.29 -6.48
CA ARG A 78 -0.49 -1.37 -5.75
C ARG A 78 -1.04 -2.77 -6.10
N TRP A 79 -2.34 -2.85 -6.42
CA TRP A 79 -3.01 -4.11 -6.78
C TRP A 79 -3.90 -3.87 -8.00
N PRO A 80 -4.17 -4.93 -8.80
CA PRO A 80 -4.97 -4.77 -10.01
C PRO A 80 -6.46 -4.65 -9.67
N VAL A 81 -6.91 -3.43 -9.36
CA VAL A 81 -8.28 -3.16 -8.95
C VAL A 81 -9.16 -2.98 -10.18
N LYS A 82 -10.09 -3.90 -10.39
CA LYS A 82 -11.00 -3.83 -11.54
C LYS A 82 -12.32 -3.19 -11.16
N THR A 83 -12.84 -3.61 -10.01
CA THR A 83 -14.14 -3.16 -9.53
C THR A 83 -14.05 -2.82 -8.06
N VAL A 84 -14.67 -1.70 -7.68
CA VAL A 84 -14.78 -1.32 -6.28
CA VAL A 84 -14.79 -1.31 -6.29
C VAL A 84 -16.26 -1.17 -5.91
N HIS A 85 -16.68 -1.89 -4.89
N HIS A 85 -16.68 -1.88 -4.88
CA HIS A 85 -18.00 -1.68 -4.29
CA HIS A 85 -17.99 -1.68 -4.28
C HIS A 85 -17.85 -0.58 -3.25
C HIS A 85 -17.83 -0.57 -3.26
N THR A 86 -18.42 0.59 -3.55
CA THR A 86 -18.24 1.76 -2.69
CA THR A 86 -18.26 1.79 -2.73
C THR A 86 -19.05 1.59 -1.42
N ASP A 87 -18.62 2.27 -0.36
CA ASP A 87 -19.18 2.05 0.98
C ASP A 87 -20.48 2.79 1.27
N ASN A 88 -20.78 3.82 0.48
CA ASN A 88 -21.99 4.61 0.66
C ASN A 88 -22.29 5.45 -0.57
N GLY A 89 -23.46 6.09 -0.59
CA GLY A 89 -23.91 6.84 -1.75
C GLY A 89 -23.15 8.12 -2.00
N SER A 90 -22.60 8.72 -0.96
CA SER A 90 -21.87 9.97 -1.10
C SER A 90 -20.57 9.73 -1.90
N ASN A 91 -19.84 8.67 -1.54
CA ASN A 91 -18.68 8.28 -2.35
C ASN A 91 -19.06 7.75 -3.72
N PHE A 92 -20.20 7.06 -3.83
CA PHE A 92 -20.68 6.59 -5.12
C PHE A 92 -20.94 7.80 -6.03
N THR A 93 -21.46 8.87 -5.45
CA THR A 93 -21.84 10.09 -6.19
C THR A 93 -20.67 11.05 -6.43
N SER A 94 -19.73 11.10 -5.49
CA SER A 94 -18.62 12.05 -5.51
C SER A 94 -17.96 12.16 -6.89
N THR A 95 -17.85 13.39 -7.40
CA THR A 95 -17.22 13.61 -8.68
C THR A 95 -15.73 13.31 -8.61
N THR A 96 -15.10 13.63 -7.50
CA THR A 96 -13.68 13.33 -7.29
C THR A 96 -13.44 11.82 -7.27
N VAL A 97 -14.31 11.06 -6.59
CA VAL A 97 -14.20 9.61 -6.60
C VAL A 97 -14.39 9.09 -8.02
N LYS A 98 -15.40 9.60 -8.71
CA LYS A 98 -15.62 9.19 -10.10
C LYS A 98 -14.40 9.52 -10.98
N ALA A 99 -13.79 10.68 -10.78
CA ALA A 99 -12.61 11.05 -11.54
C ALA A 99 -11.44 10.09 -11.27
N ALA A 100 -11.27 9.68 -10.02
CA ALA A 100 -10.18 8.77 -9.67
C ALA A 100 -10.41 7.39 -10.24
N CYS A 101 -11.65 6.92 -10.19
CA CYS A 101 -11.99 5.62 -10.76
C CYS A 101 -11.77 5.60 -12.27
N TRP A 102 -12.13 6.70 -12.93
CA TRP A 102 -11.87 6.83 -14.36
C TRP A 102 -10.35 6.80 -14.61
N TRP A 103 -9.62 7.62 -13.87
CA TRP A 103 -8.17 7.74 -14.05
C TRP A 103 -7.50 6.37 -13.92
N ALA A 104 -7.89 5.63 -12.88
CA ALA A 104 -7.25 4.37 -12.51
C ALA A 104 -7.83 3.15 -13.20
N GLY A 105 -8.82 3.33 -14.06
CA GLY A 105 -9.43 2.21 -14.78
C GLY A 105 -10.29 1.32 -13.89
N ILE A 106 -10.92 1.91 -12.88
CA ILE A 106 -11.73 1.15 -11.92
C ILE A 106 -13.21 1.31 -12.23
N LYS A 107 -13.93 0.19 -12.27
CA LYS A 107 -15.38 0.21 -12.39
CA LYS A 107 -15.39 0.20 -12.37
C LYS A 107 -15.99 0.42 -11.00
N GLN A 108 -16.63 1.56 -10.82
CA GLN A 108 -17.21 1.91 -9.53
C GLN A 108 -18.62 1.33 -9.50
N GLU A 109 -18.90 0.55 -8.47
CA GLU A 109 -20.23 -0.02 -8.30
C GLU A 109 -20.78 0.37 -6.93
N ASP A 110 -22.07 0.12 -6.72
CA ASP A 110 -22.64 0.24 -5.38
C ASP A 110 -22.14 -0.92 -4.51
N GLY A 111 -22.32 -0.78 -3.21
CA GLY A 111 -21.95 -1.83 -2.26
C GLY A 111 -23.18 -2.35 -1.55
N ILE A 112 -24.32 -2.33 -2.23
CA ILE A 112 -25.57 -2.76 -1.63
C ILE A 112 -25.49 -4.27 -1.40
N PRO A 113 -25.71 -4.71 -0.16
CA PRO A 113 -25.63 -6.13 0.18
C PRO A 113 -26.81 -6.92 -0.40
N TYR A 114 -26.75 -7.22 -1.70
CA TYR A 114 -27.76 -8.04 -2.35
C TYR A 114 -27.73 -9.46 -1.77
N ASN A 115 -26.53 -9.93 -1.44
CA ASN A 115 -26.35 -11.07 -0.55
C ASN A 115 -26.28 -10.52 0.87
N PRO A 116 -27.40 -10.62 1.63
CA PRO A 116 -27.51 -9.96 2.95
C PRO A 116 -26.44 -10.31 3.98
N GLN A 117 -25.75 -11.44 3.81
CA GLN A 117 -24.60 -11.79 4.66
C GLN A 117 -23.44 -10.78 4.56
N SER A 118 -23.54 -9.83 3.62
CA SER A 118 -22.50 -8.81 3.44
C SER A 118 -22.46 -7.80 4.60
N GLN A 119 -23.61 -7.26 4.98
CA GLN A 119 -23.69 -6.38 6.15
C GLN A 119 -22.95 -6.99 7.34
N GLY A 120 -23.27 -8.25 7.63
CA GLY A 120 -22.70 -8.97 8.77
C GLY A 120 -21.21 -9.23 8.65
N VAL A 121 -20.75 -9.60 7.46
CA VAL A 121 -19.33 -9.86 7.23
C VAL A 121 -18.48 -8.60 7.46
N ILE A 122 -18.96 -7.46 6.95
CA ILE A 122 -18.29 -6.17 7.15
C ILE A 122 -18.31 -5.75 8.62
N GLU A 123 -19.49 -5.87 9.23
CA GLU A 123 -19.66 -5.63 10.66
C GLU A 123 -18.68 -6.46 11.49
N SER A 124 -18.58 -7.75 11.17
CA SER A 124 -17.63 -8.65 11.83
C SER A 124 -16.18 -8.22 11.63
N MET A 125 -15.86 -7.80 10.41
CA MET A 125 -14.52 -7.29 10.11
C MET A 125 -14.18 -6.07 10.95
N ASN A 126 -15.09 -5.11 11.00
CA ASN A 126 -14.83 -3.89 11.76
C ASN A 126 -14.62 -4.18 13.24
N LYS A 127 -15.42 -5.10 13.78
CA LYS A 127 -15.28 -5.55 15.16
C LYS A 127 -13.92 -6.19 15.37
N GLU A 128 -13.53 -7.08 14.47
CA GLU A 128 -12.23 -7.75 14.57
C GLU A 128 -11.06 -6.75 14.47
N LEU A 129 -11.16 -5.81 13.53
N LEU A 129 -11.16 -5.82 13.53
CA LEU A 129 -10.12 -4.79 13.37
CA LEU A 129 -10.13 -4.81 13.34
C LEU A 129 -9.93 -3.96 14.62
C LEU A 129 -9.94 -3.96 14.60
N LYS A 130 -11.04 -3.52 15.20
CA LYS A 130 -11.00 -2.71 16.42
C LYS A 130 -10.43 -3.49 17.60
N LYS A 131 -10.74 -4.78 17.64
CA LYS A 131 -10.18 -5.69 18.65
C LYS A 131 -8.65 -5.75 18.50
N ILE A 132 -8.18 -5.95 17.27
CA ILE A 132 -6.73 -6.02 17.05
C ILE A 132 -6.10 -4.70 17.42
N ILE A 133 -6.71 -3.60 16.99
CA ILE A 133 -6.23 -2.28 17.35
C ILE A 133 -6.11 -2.14 18.87
N GLY A 134 -7.12 -2.59 19.59
CA GLY A 134 -7.10 -2.56 21.05
C GLY A 134 -5.94 -3.37 21.63
N GLN A 135 -5.64 -4.51 21.01
CA GLN A 135 -4.52 -5.35 21.46
C GLN A 135 -3.14 -4.71 21.27
N VAL A 136 -3.01 -3.84 20.28
CA VAL A 136 -1.72 -3.20 20.00
C VAL A 136 -1.70 -1.74 20.43
N ARG A 137 -2.84 -1.21 20.85
CA ARG A 137 -3.00 0.24 20.99
C ARG A 137 -1.92 0.88 21.85
N ASP A 138 -1.53 0.19 22.92
CA ASP A 138 -0.55 0.73 23.87
C ASP A 138 0.89 0.77 23.34
N GLN A 139 1.18 0.00 22.29
CA GLN A 139 2.54 -0.05 21.73
C GLN A 139 2.90 1.19 20.92
N ALA A 140 1.91 1.95 20.49
CA ALA A 140 2.15 3.15 19.67
C ALA A 140 1.35 4.33 20.20
N GLU A 141 1.85 5.54 19.98
CA GLU A 141 1.12 6.72 20.42
C GLU A 141 0.00 7.07 19.43
N HIS A 142 0.32 7.11 18.14
CA HIS A 142 -0.66 7.51 17.12
C HIS A 142 -1.57 6.37 16.70
N LEU A 143 -2.85 6.68 16.54
CA LEU A 143 -3.81 5.70 16.06
C LEU A 143 -3.38 5.13 14.71
N LYS A 144 -2.85 5.97 13.83
CA LYS A 144 -2.50 5.51 12.48
C LYS A 144 -1.48 4.37 12.56
N THR A 145 -0.55 4.45 13.50
CA THR A 145 0.44 3.39 13.67
C THR A 145 -0.22 2.08 14.12
N ALA A 146 -1.13 2.18 15.10
CA ALA A 146 -1.87 1.03 15.57
C ALA A 146 -2.72 0.41 14.47
N VAL A 147 -3.32 1.24 13.63
CA VAL A 147 -4.10 0.71 12.51
C VAL A 147 -3.22 -0.10 11.55
N GLN A 148 -2.03 0.39 11.25
CA GLN A 148 -1.13 -0.32 10.34
C GLN A 148 -0.58 -1.61 10.95
N MET A 149 -0.37 -1.63 12.27
CA MET A 149 -0.06 -2.86 12.98
C MET A 149 -1.19 -3.87 12.85
N ALA A 150 -2.42 -3.39 12.98
CA ALA A 150 -3.59 -4.26 12.82
C ALA A 150 -3.75 -4.79 11.39
N VAL A 151 -3.46 -3.96 10.39
CA VAL A 151 -3.43 -4.41 9.00
C VAL A 151 -2.41 -5.55 8.85
N PHE A 152 -1.21 -5.32 9.39
CA PHE A 152 -0.17 -6.33 9.36
C PHE A 152 -0.67 -7.64 9.99
N ILE A 153 -1.16 -7.57 11.22
CA ILE A 153 -1.60 -8.76 11.94
C ILE A 153 -2.71 -9.47 11.17
N HIS A 154 -3.70 -8.72 10.68
CA HIS A 154 -4.78 -9.35 9.92
C HIS A 154 -4.28 -10.08 8.69
N ASN A 155 -3.49 -9.40 7.87
CA ASN A 155 -3.05 -9.97 6.60
C ASN A 155 -2.10 -11.16 6.76
N HIS A 156 -1.42 -11.26 7.91
CA HIS A 156 -0.50 -12.38 8.15
C HIS A 156 -1.16 -13.55 8.91
N LYS A 157 -2.33 -13.33 9.48
CA LYS A 157 -2.94 -14.35 10.35
C LYS A 157 -3.27 -15.61 9.57
N ARG A 158 -2.88 -16.75 10.11
CA ARG A 158 -3.12 -18.03 9.45
C ARG A 158 -4.49 -18.58 9.85
N LYS A 159 -5.34 -18.83 8.85
CA LYS A 159 -6.72 -19.25 9.07
C LYS A 159 -6.91 -20.73 8.75
N GLY A 164 -3.31 -24.08 6.38
CA GLY A 164 -3.78 -22.77 6.83
C GLY A 164 -3.09 -21.63 6.12
N TYR A 165 -3.80 -20.98 5.19
CA TYR A 165 -3.26 -19.84 4.45
C TYR A 165 -3.62 -18.53 5.15
N SER A 166 -2.82 -17.49 4.88
CA SER A 166 -3.16 -16.13 5.33
C SER A 166 -3.83 -15.37 4.19
N ALA A 167 -4.47 -14.26 4.52
CA ALA A 167 -5.08 -13.41 3.51
C ALA A 167 -4.04 -12.93 2.48
N GLY A 168 -2.85 -12.55 2.96
CA GLY A 168 -1.77 -12.13 2.08
C GLY A 168 -1.35 -13.19 1.08
N GLU A 169 -1.30 -14.43 1.54
CA GLU A 169 -1.00 -15.57 0.68
C GLU A 169 -2.12 -15.81 -0.31
N ARG A 170 -3.37 -15.72 0.15
CA ARG A 170 -4.52 -15.95 -0.72
C ARG A 170 -4.61 -14.94 -1.85
N ILE A 171 -4.41 -13.66 -1.55
CA ILE A 171 -4.54 -12.63 -2.59
C ILE A 171 -3.49 -12.83 -3.68
N VAL A 172 -2.25 -13.09 -3.28
CA VAL A 172 -1.19 -13.34 -4.24
C VAL A 172 -1.51 -14.56 -5.13
N ASP A 173 -1.95 -15.66 -4.52
CA ASP A 173 -2.29 -16.90 -5.25
C ASP A 173 -3.46 -16.68 -6.22
N ILE A 174 -4.49 -16.00 -5.75
CA ILE A 174 -5.65 -15.68 -6.58
C ILE A 174 -5.25 -14.85 -7.79
N ILE A 175 -4.49 -13.79 -7.59
CA ILE A 175 -4.09 -12.93 -8.71
C ILE A 175 -3.10 -13.66 -9.64
N ALA A 176 -2.18 -14.43 -9.06
CA ALA A 176 -1.19 -15.16 -9.88
C ALA A 176 -1.90 -16.19 -10.78
N THR A 177 -2.86 -16.90 -10.23
CA THR A 177 -3.66 -17.85 -11.01
C THR A 177 -4.34 -17.13 -12.16
N ASP A 178 -4.88 -15.95 -11.86
CA ASP A 178 -5.54 -15.11 -12.86
C ASP A 178 -4.58 -14.68 -13.99
N ILE A 179 -3.36 -14.32 -13.63
CA ILE A 179 -2.35 -13.92 -14.62
C ILE A 179 -2.02 -15.06 -15.60
N GLN A 180 -2.01 -16.31 -15.09
CA GLN A 180 -1.72 -17.52 -15.86
C GLN A 180 -2.99 -18.33 -16.10
N SER B 28 15.31 -13.99 -2.42
CA SER B 28 15.05 -12.77 -3.25
C SER B 28 13.57 -12.32 -3.36
N PRO B 29 12.58 -13.23 -3.22
CA PRO B 29 11.22 -12.66 -3.25
C PRO B 29 10.89 -11.71 -2.08
N GLY B 30 11.61 -11.83 -0.97
CA GLY B 30 11.38 -10.97 0.19
C GLY B 30 12.29 -9.75 0.30
N ILE B 31 13.06 -9.45 -0.74
CA ILE B 31 14.07 -8.37 -0.67
C ILE B 31 13.59 -7.05 -1.26
N TRP B 32 13.69 -6.00 -0.46
CA TRP B 32 13.31 -4.66 -0.88
C TRP B 32 14.45 -3.69 -0.63
N GLN B 33 14.46 -2.61 -1.40
CA GLN B 33 15.44 -1.54 -1.29
CA GLN B 33 15.44 -1.55 -1.27
C GLN B 33 14.75 -0.22 -1.03
N LEU B 34 15.19 0.51 0.00
CA LEU B 34 14.67 1.86 0.25
C LEU B 34 15.45 2.86 -0.57
N ASP B 35 14.77 3.93 -0.96
CA ASP B 35 15.36 4.96 -1.80
C ASP B 35 14.67 6.26 -1.44
N CYS B 36 15.45 7.33 -1.35
CA CYS B 36 14.92 8.63 -0.99
C CYS B 36 15.35 9.63 -2.04
N THR B 37 14.40 10.37 -2.59
CA THR B 37 14.71 11.40 -3.60
C THR B 37 13.94 12.69 -3.29
N HIS B 38 14.36 13.80 -3.88
CA HIS B 38 13.84 15.11 -3.53
C HIS B 38 13.17 15.77 -4.72
N LEU B 39 12.06 16.47 -4.44
CA LEU B 39 11.32 17.19 -5.48
C LEU B 39 10.41 18.25 -4.82
N GLU B 40 10.42 19.45 -5.39
CA GLU B 40 9.60 20.58 -4.91
C GLU B 40 9.78 20.87 -3.43
N GLY B 41 11.01 20.72 -2.94
CA GLY B 41 11.33 20.99 -1.54
C GLY B 41 10.80 19.94 -0.58
N LYS B 42 10.35 18.80 -1.11
CA LYS B 42 9.82 17.71 -0.30
C LYS B 42 10.61 16.45 -0.60
N VAL B 43 10.33 15.40 0.15
CA VAL B 43 11.03 14.15 0.05
C VAL B 43 10.07 13.09 -0.45
N ILE B 44 10.53 12.29 -1.40
CA ILE B 44 9.77 11.14 -1.88
C ILE B 44 10.48 9.89 -1.39
N LEU B 45 9.80 9.12 -0.55
CA LEU B 45 10.35 7.89 -0.03
C LEU B 45 9.83 6.72 -0.85
N VAL B 46 10.73 5.90 -1.35
CA VAL B 46 10.38 4.81 -2.25
C VAL B 46 10.92 3.48 -1.73
N ALA B 47 10.09 2.44 -1.81
CA ALA B 47 10.52 1.07 -1.56
C ALA B 47 10.41 0.33 -2.89
N VAL B 48 11.49 -0.32 -3.30
N VAL B 48 11.49 -0.28 -3.34
CA VAL B 48 11.53 -1.09 -4.54
CA VAL B 48 11.43 -1.06 -4.58
C VAL B 48 11.68 -2.57 -4.25
C VAL B 48 11.69 -2.54 -4.31
N HIS B 49 10.82 -3.39 -4.86
CA HIS B 49 10.98 -4.84 -4.79
C HIS B 49 12.02 -5.22 -5.84
N VAL B 50 13.19 -5.64 -5.35
CA VAL B 50 14.38 -5.72 -6.19
C VAL B 50 14.19 -6.64 -7.41
N ALA B 51 13.62 -7.82 -7.18
CA ALA B 51 13.46 -8.80 -8.26
C ALA B 51 12.45 -8.40 -9.34
N SER B 52 11.48 -7.53 -9.03
CA SER B 52 10.41 -7.18 -9.97
C SER B 52 10.47 -5.76 -10.49
N GLY B 53 11.06 -4.85 -9.72
CA GLY B 53 10.98 -3.43 -10.03
C GLY B 53 9.68 -2.77 -9.59
N TYR B 54 8.83 -3.50 -8.87
CA TYR B 54 7.60 -2.94 -8.32
C TYR B 54 7.94 -1.95 -7.22
N ILE B 55 7.19 -0.85 -7.12
CA ILE B 55 7.45 0.16 -6.11
C ILE B 55 6.21 0.57 -5.31
N GLU B 56 6.49 1.05 -4.10
CA GLU B 56 5.52 1.82 -3.33
C GLU B 56 6.25 3.09 -2.96
N ALA B 57 5.51 4.19 -2.80
CA ALA B 57 6.12 5.48 -2.51
C ALA B 57 5.20 6.36 -1.70
N GLU B 58 5.79 7.31 -0.99
CA GLU B 58 5.05 8.33 -0.25
CA GLU B 58 5.05 8.33 -0.24
C GLU B 58 5.82 9.66 -0.27
N VAL B 59 5.08 10.75 -0.14
CA VAL B 59 5.67 12.07 0.05
C VAL B 59 5.70 12.39 1.55
N ILE B 60 6.85 12.85 2.03
CA ILE B 60 6.99 13.30 3.43
C ILE B 60 7.73 14.63 3.48
N PRO B 61 7.53 15.42 4.56
CA PRO B 61 8.25 16.70 4.63
C PRO B 61 9.75 16.53 4.67
N ALA B 62 10.20 15.50 5.40
CA ALA B 62 11.63 15.21 5.51
C ALA B 62 11.83 13.77 5.94
N GLU B 63 12.97 13.19 5.54
CA GLU B 63 13.26 11.82 5.93
C GLU B 63 13.72 11.80 7.37
N THR B 64 12.87 11.27 8.25
CA THR B 64 13.22 11.02 9.64
C THR B 64 13.11 9.52 9.89
N GLY B 65 13.69 9.06 10.99
CA GLY B 65 13.53 7.68 11.43
C GLY B 65 12.07 7.32 11.60
N GLN B 66 11.30 8.19 12.27
CA GLN B 66 9.89 7.95 12.49
C GLN B 66 9.08 7.78 11.20
N GLU B 67 9.30 8.65 10.22
CA GLU B 67 8.61 8.51 8.92
C GLU B 67 9.04 7.21 8.22
N THR B 68 10.34 6.92 8.21
CA THR B 68 10.84 5.70 7.58
C THR B 68 10.26 4.46 8.26
N ALA B 69 10.24 4.47 9.59
CA ALA B 69 9.70 3.34 10.36
C ALA B 69 8.24 3.07 10.03
N TYR B 70 7.45 4.14 9.94
CA TYR B 70 6.03 4.03 9.63
C TYR B 70 5.83 3.50 8.20
N PHE B 71 6.65 3.98 7.27
CA PHE B 71 6.58 3.55 5.88
C PHE B 71 6.87 2.05 5.76
N LEU B 72 7.86 1.57 6.52
CA LEU B 72 8.21 0.15 6.52
C LEU B 72 7.12 -0.72 7.14
N LEU B 73 6.48 -0.24 8.20
CA LEU B 73 5.35 -0.95 8.79
C LEU B 73 4.23 -1.11 7.77
N LYS B 74 3.90 -0.03 7.05
CA LYS B 74 2.87 -0.11 6.01
C LYS B 74 3.24 -1.12 4.93
N LEU B 75 4.46 -1.03 4.44
CA LEU B 75 4.94 -1.93 3.41
C LEU B 75 4.83 -3.40 3.83
N ALA B 76 5.32 -3.71 5.03
CA ALA B 76 5.39 -5.08 5.51
C ALA B 76 4.02 -5.67 5.84
N GLY B 77 3.03 -4.82 6.08
CA GLY B 77 1.66 -5.26 6.25
C GLY B 77 1.00 -5.64 4.93
N ARG B 78 1.57 -5.14 3.84
CA ARG B 78 0.98 -5.30 2.51
C ARG B 78 1.68 -6.38 1.66
N TRP B 79 3.00 -6.55 1.85
CA TRP B 79 3.81 -7.54 1.11
C TRP B 79 4.73 -8.27 2.09
N PRO B 80 5.14 -9.51 1.77
CA PRO B 80 5.99 -10.27 2.69
C PRO B 80 7.44 -9.80 2.64
N VAL B 81 7.74 -8.77 3.44
CA VAL B 81 9.06 -8.13 3.46
C VAL B 81 9.98 -8.90 4.40
N LYS B 82 11.01 -9.54 3.85
CA LYS B 82 11.94 -10.31 4.66
C LYS B 82 13.18 -9.49 4.99
N THR B 83 13.68 -8.79 3.98
CA THR B 83 14.91 -8.03 4.10
C THR B 83 14.72 -6.67 3.46
N VAL B 84 15.21 -5.63 4.13
CA VAL B 84 15.22 -4.28 3.58
CA VAL B 84 15.23 -4.31 3.54
C VAL B 84 16.65 -3.75 3.54
N HIS B 85 17.08 -3.34 2.36
CA HIS B 85 18.35 -2.62 2.22
C HIS B 85 18.03 -1.15 2.43
N THR B 86 18.51 -0.62 3.56
CA THR B 86 18.19 0.75 3.93
CA THR B 86 18.20 0.74 3.97
C THR B 86 18.95 1.74 3.05
N ASP B 87 18.40 2.94 2.92
CA ASP B 87 18.91 3.91 1.94
C ASP B 87 20.12 4.72 2.42
N ASN B 88 20.35 4.75 3.72
CA ASN B 88 21.47 5.51 4.28
C ASN B 88 21.74 5.08 5.72
N GLY B 89 22.84 5.57 6.29
CA GLY B 89 23.26 5.16 7.61
C GLY B 89 22.41 5.66 8.76
N SER B 90 21.75 6.79 8.55
CA SER B 90 20.90 7.37 9.58
C SER B 90 19.68 6.48 9.83
N ASN B 91 19.04 6.04 8.75
CA ASN B 91 17.96 5.06 8.87
C ASN B 91 18.44 3.69 9.32
N PHE B 92 19.64 3.29 8.90
CA PHE B 92 20.23 2.04 9.36
C PHE B 92 20.42 2.08 10.88
N THR B 93 20.81 3.24 11.39
CA THR B 93 21.10 3.46 12.81
C THR B 93 19.85 3.74 13.65
N SER B 94 18.87 4.42 13.07
CA SER B 94 17.68 4.87 13.79
C SER B 94 17.08 3.79 14.68
N THR B 95 16.86 4.14 15.95
CA THR B 95 16.28 3.20 16.90
C THR B 95 14.81 2.93 16.53
N THR B 96 14.10 3.94 16.07
CA THR B 96 12.71 3.77 15.64
CA THR B 96 12.71 3.77 15.63
C THR B 96 12.63 2.83 14.44
N VAL B 97 13.54 3.00 13.47
CA VAL B 97 13.57 2.09 12.32
C VAL B 97 13.89 0.68 12.80
N LYS B 98 14.87 0.54 13.69
CA LYS B 98 15.19 -0.78 14.22
C LYS B 98 13.99 -1.38 14.97
N ALA B 99 13.25 -0.57 15.71
CA ALA B 99 12.07 -1.07 16.42
C ALA B 99 10.99 -1.56 15.45
N ALA B 100 10.81 -0.83 14.34
CA ALA B 100 9.80 -1.23 13.37
C ALA B 100 10.18 -2.51 12.64
N CYS B 101 11.47 -2.63 12.30
CA CYS B 101 11.96 -3.83 11.65
C CYS B 101 11.82 -5.05 12.57
N TRP B 102 12.12 -4.86 13.84
CA TRP B 102 11.91 -5.93 14.82
C TRP B 102 10.42 -6.30 14.88
N TRP B 103 9.57 -5.28 15.03
CA TRP B 103 8.12 -5.50 15.16
C TRP B 103 7.59 -6.30 13.97
N ALA B 104 7.99 -5.90 12.77
CA ALA B 104 7.46 -6.45 11.52
C ALA B 104 8.19 -7.68 11.01
N GLY B 105 9.21 -8.14 11.74
CA GLY B 105 9.96 -9.32 11.32
C GLY B 105 10.84 -9.08 10.12
N ILE B 106 11.37 -7.86 9.99
CA ILE B 106 12.20 -7.49 8.85
C ILE B 106 13.66 -7.51 9.24
N LYS B 107 14.50 -8.16 8.42
CA LYS B 107 15.95 -8.07 8.55
CA LYS B 107 15.95 -8.08 8.57
C LYS B 107 16.47 -6.80 7.91
N GLN B 108 16.99 -5.90 8.73
CA GLN B 108 17.46 -4.63 8.24
C GLN B 108 18.91 -4.81 7.83
N GLU B 109 19.23 -4.46 6.59
CA GLU B 109 20.59 -4.54 6.11
C GLU B 109 21.03 -3.18 5.59
N ASP B 110 22.32 -3.04 5.32
CA ASP B 110 22.82 -1.86 4.62
C ASP B 110 22.40 -1.93 3.16
N GLY B 111 22.50 -0.80 2.47
CA GLY B 111 22.20 -0.74 1.04
C GLY B 111 23.44 -0.39 0.26
N ILE B 112 24.60 -0.82 0.75
CA ILE B 112 25.87 -0.48 0.11
C ILE B 112 25.91 -1.22 -1.22
N PRO B 113 26.12 -0.49 -2.33
CA PRO B 113 26.16 -1.10 -3.66
C PRO B 113 27.44 -1.92 -3.86
N TYR B 114 27.45 -3.13 -3.30
CA TYR B 114 28.55 -4.08 -3.49
C TYR B 114 28.65 -4.47 -4.97
N ASN B 115 27.49 -4.60 -5.61
CA ASN B 115 27.40 -4.60 -7.06
C ASN B 115 27.23 -3.15 -7.51
N PRO B 116 28.31 -2.50 -7.99
CA PRO B 116 28.29 -1.06 -8.27
C PRO B 116 27.22 -0.55 -9.25
N GLN B 117 26.64 -1.45 -10.05
CA GLN B 117 25.50 -1.11 -10.90
C GLN B 117 24.25 -0.69 -10.11
N SER B 118 24.30 -0.82 -8.79
CA SER B 118 23.18 -0.46 -7.92
C SER B 118 22.97 1.06 -7.83
N GLN B 119 24.04 1.82 -7.60
CA GLN B 119 23.98 3.28 -7.61
C GLN B 119 23.26 3.77 -8.88
N GLY B 120 23.68 3.24 -10.03
CA GLY B 120 23.11 3.64 -11.32
C GLY B 120 21.67 3.23 -11.54
N VAL B 121 21.31 2.03 -11.10
CA VAL B 121 19.93 1.55 -11.24
C VAL B 121 18.96 2.42 -10.43
N ILE B 122 19.34 2.76 -9.20
CA ILE B 122 18.53 3.64 -8.35
C ILE B 122 18.44 5.05 -8.93
N GLU B 123 19.59 5.58 -9.33
CA GLU B 123 19.67 6.86 -10.03
C GLU B 123 18.74 6.90 -11.25
N SER B 124 18.78 5.86 -12.07
CA SER B 124 17.91 5.74 -13.23
C SER B 124 16.43 5.70 -12.83
N MET B 125 16.13 4.96 -11.76
CA MET B 125 14.76 4.91 -11.25
C MET B 125 14.25 6.28 -10.82
N ASN B 126 15.07 7.00 -10.05
CA ASN B 126 14.66 8.32 -9.58
C ASN B 126 14.40 9.28 -10.72
N LYS B 127 15.26 9.22 -11.74
CA LYS B 127 15.09 10.03 -12.96
CA LYS B 127 15.05 10.07 -12.91
C LYS B 127 13.79 9.67 -13.67
N GLU B 128 13.54 8.36 -13.82
CA GLU B 128 12.31 7.89 -14.47
C GLU B 128 11.07 8.33 -13.68
N LEU B 129 11.10 8.17 -12.35
N LEU B 129 11.11 8.16 -12.35
CA LEU B 129 9.97 8.56 -11.50
CA LEU B 129 10.00 8.53 -11.50
C LEU B 129 9.65 10.03 -11.65
C LEU B 129 9.65 10.01 -11.62
N LYS B 130 10.68 10.86 -11.59
CA LYS B 130 10.50 12.31 -11.72
C LYS B 130 9.95 12.71 -13.08
N LYS B 131 10.38 11.97 -14.11
CA LYS B 131 9.87 12.16 -15.46
C LYS B 131 8.37 11.86 -15.50
N ILE B 132 7.97 10.73 -14.92
CA ILE B 132 6.56 10.37 -14.91
C ILE B 132 5.78 11.42 -14.13
N ILE B 133 6.31 11.80 -12.97
CA ILE B 133 5.67 12.84 -12.18
C ILE B 133 5.46 14.11 -13.01
N GLY B 134 6.49 14.49 -13.77
CA GLY B 134 6.37 15.66 -14.65
C GLY B 134 5.28 15.50 -15.68
N GLN B 135 5.12 14.29 -16.22
CA GLN B 135 4.08 14.03 -17.22
C GLN B 135 2.65 14.12 -16.66
N VAL B 136 2.48 13.86 -15.36
CA VAL B 136 1.15 13.92 -14.75
C VAL B 136 0.96 15.14 -13.88
N ARG B 137 2.03 15.92 -13.67
CA ARG B 137 2.04 16.92 -12.61
C ARG B 137 0.87 17.89 -12.69
N ASP B 138 0.49 18.27 -13.91
CA ASP B 138 -0.59 19.25 -14.11
C ASP B 138 -1.99 18.70 -13.82
N GLN B 139 -2.15 17.38 -13.80
CA GLN B 139 -3.47 16.79 -13.55
C GLN B 139 -3.91 16.87 -12.10
N ALA B 140 -2.98 17.10 -11.17
CA ALA B 140 -3.29 17.17 -9.75
C ALA B 140 -2.63 18.38 -9.11
N GLU B 141 -3.23 18.91 -8.05
CA GLU B 141 -2.65 20.04 -7.35
C GLU B 141 -1.53 19.59 -6.42
N HIS B 142 -1.80 18.56 -5.60
CA HIS B 142 -0.82 18.10 -4.61
C HIS B 142 0.22 17.16 -5.20
N LEU B 143 1.48 17.35 -4.82
CA LEU B 143 2.54 16.47 -5.25
C LEU B 143 2.24 15.01 -4.88
N LYS B 144 1.66 14.78 -3.70
CA LYS B 144 1.43 13.40 -3.25
C LYS B 144 0.53 12.66 -4.24
N THR B 145 -0.46 13.37 -4.80
CA THR B 145 -1.35 12.76 -5.79
C THR B 145 -0.58 12.38 -7.06
N ALA B 146 0.27 13.29 -7.53
CA ALA B 146 1.10 13.03 -8.70
C ALA B 146 2.05 11.87 -8.47
N VAL B 147 2.60 11.78 -7.26
CA VAL B 147 3.49 10.65 -6.95
C VAL B 147 2.74 9.32 -7.03
N GLN B 148 1.52 9.27 -6.52
CA GLN B 148 0.74 8.03 -6.56
C GLN B 148 0.29 7.67 -7.99
N MET B 149 0.03 8.67 -8.81
CA MET B 149 -0.19 8.45 -10.25
C MET B 149 1.03 7.83 -10.89
N ALA B 150 2.21 8.35 -10.54
CA ALA B 150 3.47 7.82 -11.06
C ALA B 150 3.74 6.38 -10.60
N VAL B 151 3.41 6.08 -9.34
CA VAL B 151 3.49 4.71 -8.84
C VAL B 151 2.60 3.80 -9.69
N PHE B 152 1.36 4.23 -9.90
CA PHE B 152 0.43 3.50 -10.73
C PHE B 152 1.02 3.24 -12.13
N ILE B 153 1.45 4.30 -12.80
CA ILE B 153 1.97 4.17 -14.16
C ILE B 153 3.19 3.26 -14.19
N HIS B 154 4.12 3.43 -13.25
CA HIS B 154 5.30 2.55 -13.23
C HIS B 154 4.92 1.08 -13.06
N ASN B 155 4.11 0.78 -12.06
CA ASN B 155 3.79 -0.61 -11.74
C ASN B 155 2.95 -1.31 -12.82
N HIS B 156 2.24 -0.54 -13.63
CA HIS B 156 1.42 -1.12 -14.70
C HIS B 156 2.14 -1.17 -16.06
N LYS B 157 3.26 -0.48 -16.19
CA LYS B 157 3.92 -0.36 -17.50
C LYS B 157 4.43 -1.70 -18.00
N ARG B 158 4.12 -2.01 -19.26
CA ARG B 158 4.52 -3.27 -19.86
C ARG B 158 5.94 -3.15 -20.42
N LYS B 159 6.84 -4.03 -19.97
CA LYS B 159 8.24 -4.01 -20.38
C LYS B 159 8.56 -5.15 -21.34
N GLY B 164 5.63 -9.73 -22.58
CA GLY B 164 5.89 -8.47 -21.88
C GLY B 164 5.08 -8.33 -20.60
N TYR B 165 5.74 -8.47 -19.45
CA TYR B 165 5.08 -8.34 -18.14
C TYR B 165 5.26 -6.95 -17.54
N SER B 166 4.38 -6.58 -16.61
CA SER B 166 4.56 -5.38 -15.80
C SER B 166 5.22 -5.74 -14.47
N ALA B 167 5.73 -4.73 -13.77
CA ALA B 167 6.29 -4.94 -12.44
C ALA B 167 5.26 -5.55 -11.47
N GLY B 168 4.03 -5.07 -11.53
CA GLY B 168 2.94 -5.61 -10.70
C GLY B 168 2.68 -7.08 -10.95
N GLU B 169 2.73 -7.48 -12.21
CA GLU B 169 2.57 -8.88 -12.58
C GLU B 169 3.77 -9.70 -12.10
N ARG B 170 4.98 -9.16 -12.26
CA ARG B 170 6.19 -9.87 -11.85
C ARG B 170 6.23 -10.12 -10.35
N ILE B 171 5.88 -9.13 -9.54
CA ILE B 171 5.97 -9.30 -8.09
C ILE B 171 5.00 -10.38 -7.62
N VAL B 172 3.78 -10.36 -8.14
CA VAL B 172 2.79 -11.36 -7.79
C VAL B 172 3.27 -12.77 -8.18
N ASP B 173 3.78 -12.92 -9.41
CA ASP B 173 4.29 -14.22 -9.90
C ASP B 173 5.46 -14.73 -9.07
N ILE B 174 6.40 -13.84 -8.79
CA ILE B 174 7.57 -14.18 -7.97
C ILE B 174 7.15 -14.68 -6.59
N ILE B 175 6.26 -13.94 -5.91
CA ILE B 175 5.84 -14.33 -4.56
C ILE B 175 4.98 -15.61 -4.61
N ALA B 176 4.12 -15.71 -5.62
CA ALA B 176 3.25 -16.90 -5.74
C ALA B 176 4.08 -18.16 -5.96
N THR B 177 5.09 -18.07 -6.83
CA THR B 177 6.01 -19.18 -7.07
C THR B 177 6.68 -19.58 -5.75
N ASP B 178 7.09 -18.58 -4.98
CA ASP B 178 7.71 -18.79 -3.68
C ASP B 178 6.78 -19.51 -2.70
N ILE B 179 5.50 -19.13 -2.69
CA ILE B 179 4.51 -19.78 -1.81
C ILE B 179 4.32 -21.27 -2.14
N GLN B 180 4.37 -21.62 -3.43
CA GLN B 180 4.13 -23.01 -3.84
C GLN B 180 5.31 -23.92 -3.52
S SO4 C . -18.75 2.36 12.91
O1 SO4 C . -19.99 2.25 13.65
O2 SO4 C . -17.69 2.72 13.81
O3 SO4 C . -18.47 1.09 12.26
O4 SO4 C . -18.88 3.38 11.89
S SO4 D . -3.27 10.44 17.34
O1 SO4 D . -3.74 9.08 17.52
O2 SO4 D . -4.40 11.34 17.47
O3 SO4 D . -2.29 10.78 18.35
O4 SO4 D . -2.69 10.59 16.02
S SO4 E . -16.38 15.85 -3.99
O1 SO4 E . -15.24 16.47 -3.36
O2 SO4 E . -16.82 14.70 -3.22
O3 SO4 E . -17.46 16.82 -4.05
O4 SO4 E . -16.04 15.43 -5.33
S SO4 F . -2.99 2.49 1.18
O1 SO4 F . -3.12 1.58 2.32
O2 SO4 F . -3.89 2.08 0.11
O3 SO4 F . -3.37 3.82 1.61
O4 SO4 F . -1.61 2.49 0.71
C ACT G . -0.67 -3.37 -10.00
O ACT G . 0.36 -3.03 -9.43
OXT ACT G . -0.83 -4.45 -10.61
CH3 ACT G . -1.75 -2.37 -9.93
O1 CBJ H . 5.60 4.52 18.81
C2 CBJ H . 5.69 3.93 17.74
C3 CBJ H . 5.49 2.46 17.70
O4 CBJ H . 5.13 1.76 18.62
C5 CBJ H . 5.78 2.07 16.36
C6 CBJ H . 5.79 0.80 15.88
C7 CBJ H . 6.09 0.68 14.56
BR8 CBJ H . 6.05 -1.12 14.07
C9 CBJ H . 6.37 1.75 13.72
C10 CBJ H . 6.35 3.03 14.25
C11 CBJ H . 6.05 3.15 15.59
N12 CBJ H . 5.94 4.28 16.41
C13 CBJ H . 6.73 5.37 15.97
C14 CBJ H . 6.65 6.57 16.82
C15 CBJ H . 7.83 6.99 17.39
C16 CBJ H . 7.86 8.10 18.17
C17 CBJ H . 6.69 8.80 18.38
O18 CBJ H . 6.81 9.91 19.18
C19 CBJ H . 5.51 10.46 19.44
C20 CBJ H . 4.69 10.41 18.18
O21 CBJ H . 4.32 9.07 17.99
C22 CBJ H . 5.50 8.38 17.80
C23 CBJ H . 5.46 7.25 17.01
C24 CBJ H . 4.18 6.81 16.38
O25 CBJ H . 4.07 7.00 15.16
O26 CBJ H . 3.31 6.27 17.13
O1 CBJ I . -14.78 -11.42 7.68
C2 CBJ I . -13.70 -10.87 7.81
C3 CBJ I . -13.08 -10.62 9.15
O4 CBJ I . -13.40 -11.13 10.20
C5 CBJ I . -12.02 -9.66 8.90
C6 CBJ I . -11.27 -9.02 9.83
C7 CBJ I . -10.33 -8.15 9.35
BR8 CBJ I . -9.30 -7.24 10.63
C9 CBJ I . -10.16 -7.95 7.99
C10 CBJ I . -10.94 -8.63 7.07
C11 CBJ I . -11.89 -9.50 7.55
N12 CBJ I . -12.82 -10.30 6.89
C13 CBJ I . -13.28 -9.95 5.57
C14 CBJ I . -13.34 -11.12 4.66
C15 CBJ I . -14.18 -11.03 3.57
C16 CBJ I . -14.30 -12.07 2.68
C17 CBJ I . -13.56 -13.22 2.90
O18 CBJ I . -13.67 -14.26 2.00
C19 CBJ I . -12.35 -14.74 1.84
C20 CBJ I . -11.94 -15.37 3.14
O21 CBJ I . -11.95 -14.45 4.24
C22 CBJ I . -12.72 -13.32 3.97
C23 CBJ I . -12.60 -12.28 4.86
C24 CBJ I . -11.68 -12.47 5.99
O25 CBJ I . -12.02 -13.35 6.83
O26 CBJ I . -10.65 -11.75 6.01
S SO4 J . 17.87 13.44 -5.21
O1 SO4 J . 16.72 14.25 -5.52
O2 SO4 J . 17.99 13.35 -3.76
O3 SO4 J . 17.75 12.12 -5.76
O4 SO4 J . 19.05 14.08 -5.75
S SO4 K . 1.45 20.32 -2.32
O1 SO4 K . 0.41 21.21 -2.80
O2 SO4 K . 0.86 19.34 -1.41
O3 SO4 K . 2.07 19.64 -3.44
O4 SO4 K . 2.45 21.10 -1.61
S SO4 L . 14.97 8.13 15.73
O1 SO4 L . 15.89 8.82 16.60
O2 SO4 L . 14.74 6.79 16.25
O3 SO4 L . 13.71 8.86 15.71
O4 SO4 L . 15.52 8.02 14.39
S SO4 M . 2.86 2.66 1.41
O1 SO4 M . 2.98 3.85 2.22
O2 SO4 M . 3.93 1.73 1.78
O3 SO4 M . 1.57 2.03 1.64
O4 SO4 M . 2.99 3.04 0.01
C ACT N . 1.54 -9.87 3.61
O ACT N . 0.47 -9.32 3.45
OXT ACT N . 1.82 -11.04 3.25
CH3 ACT N . 2.54 -9.05 4.32
C ACT O . -0.74 7.20 5.80
O ACT O . -0.99 6.09 6.33
OXT ACT O . 0.27 7.36 5.09
CH3 ACT O . -1.69 8.34 6.00
C ACT P . 0.04 8.99 2.28
O ACT P . 0.98 9.31 3.04
OXT ACT P . 0.15 8.84 1.04
CH3 ACT P . -1.30 8.80 2.89
O1 CBJ Q . -6.78 17.03 -8.34
C2 CBJ Q . -6.79 15.81 -8.15
C3 CBJ Q . -6.46 14.90 -9.25
O4 CBJ Q . -6.07 15.22 -10.35
C5 CBJ Q . -6.64 13.58 -8.74
C6 CBJ Q . -6.51 12.43 -9.43
C7 CBJ Q . -6.73 11.29 -8.74
BR8 CBJ Q . -6.49 9.79 -9.83
C9 CBJ Q . -7.08 11.27 -7.39
C10 CBJ Q . -7.21 12.47 -6.71
C11 CBJ Q . -6.99 13.63 -7.43
N12 CBJ Q . -7.03 14.98 -7.05
C13 CBJ Q . -8.03 15.25 -6.08
C14 CBJ Q . -8.05 16.64 -5.59
C15 CBJ Q . -9.28 17.26 -5.61
C16 CBJ Q . -9.42 18.55 -5.16
C17 CBJ Q . -8.31 19.21 -4.69
O18 CBJ Q . -8.54 20.50 -4.24
C19 CBJ Q . -7.29 21.15 -4.08
C20 CBJ Q . -6.39 20.25 -3.28
O21 CBJ Q . -5.95 19.24 -4.17
C22 CBJ Q . -7.08 18.59 -4.65
C23 CBJ Q . -6.93 17.30 -5.10
C24 CBJ Q . -5.58 16.67 -5.05
O25 CBJ Q . -4.73 17.03 -5.92
O26 CBJ Q . -5.38 15.81 -4.15
O1 CBJ R . 15.43 0.49 -13.20
C2 CBJ R . 14.32 0.84 -12.83
C3 CBJ R . 13.60 1.96 -13.48
O4 CBJ R . 13.87 2.49 -14.55
C5 CBJ R . 12.51 2.28 -12.60
C6 CBJ R . 11.66 3.33 -12.67
C7 CBJ R . 10.70 3.42 -11.69
BR8 CBJ R . 9.53 4.87 -11.80
C9 CBJ R . 10.62 2.48 -10.68
C10 CBJ R . 11.51 1.41 -10.62
C11 CBJ R . 12.46 1.33 -11.61
N12 CBJ R . 13.49 0.39 -11.82
C13 CBJ R . 14.02 -0.37 -10.72
C14 CBJ R . 14.18 -1.81 -11.04
C15 CBJ R . 15.04 -2.52 -10.21
C16 CBJ R . 15.26 -3.86 -10.42
C17 CBJ R . 14.62 -4.49 -11.46
O18 CBJ R . 14.87 -5.84 -11.63
C19 CBJ R . 13.64 -6.38 -12.10
C20 CBJ R . 13.38 -5.78 -13.45
O21 CBJ R . 13.08 -4.39 -13.34
C22 CBJ R . 13.77 -3.80 -12.28
C23 CBJ R . 13.55 -2.47 -12.08
C24 CBJ R . 12.61 -1.80 -13.00
O25 CBJ R . 11.52 -1.40 -12.53
O26 CBJ R . 13.02 -1.70 -14.19
#